data_8GTI
#
_entry.id   8GTI
#
_cell.length_a   95.660
_cell.length_b   70.650
_cell.length_c   86.750
_cell.angle_alpha   90.000
_cell.angle_beta   97.820
_cell.angle_gamma   90.000
#
_symmetry.space_group_name_H-M   'C 1 2 1'
#
loop_
_entity.id
_entity.type
_entity.pdbx_description
1 polymer 'Isoform CRF-R2 of Corticotropin-releasing factor receptor 1'
2 polymer Endolysin
3 non-polymer 'OLEIC ACID'
4 non-polymer 8-(4-bromanyl-2,6-dimethoxy-phenyl)-~{N}-butyl-~{N}-(cyclopropylmethyl)-2,7-dimethyl-pyrazolo[1,5-a][1,3,5]triazin-4-amine
#
loop_
_entity_poly.entity_id
_entity_poly.type
_entity_poly.pdbx_seq_one_letter_code
_entity_poly.pdbx_strand_id
1 'polypeptide(L)'
;MEILNEEKKSKVHYHVAAIINYLGHCISLVALLVAFVLFLRARSIRCLRNIIHANLIAAFILRNATWFVVQLTMSPEVHQ
SNVGWCRLVTAAYNYFHVTNFFWMFGEGCYLHTAIVLTYSTDRLRAWMFICIGWGVPFPIIVAWAIGKLYYDNEKCWAGK
RPGVYTDYIYQGPMALVLLINFIFLFNIVRILMTKLRASTTSETIQARKAVKATLVLLPLLGITYMLAFVNPGEDEVSRV
VFIYFNAFLESFQGFFVSVFACFLNSEVRSAAAAHHHHHHHHHH
;
A
2 'polypeptide(L)'
;NIFEMLRIDEGLRLKIYKDTEGYYTIGIGHLLTKSPSLSVAKSELDKAIGRNSNGVITKDEAEKLFNQDVDAAVRGILRN
AKLKPVYDSLDAVRRSALINMVFQMGETGVAGFTNSLRMLQQKRWDEAAVNLAKSRWYNQTPNRAKRVIATFRTGTWDAY
;
B
#
loop_
_chem_comp.id
_chem_comp.type
_chem_comp.name
_chem_comp.formula
0JS non-polymer 8-(4-bromanyl-2,6-dimethoxy-phenyl)-~{N}-butyl-~{N}-(cyclopropylmethyl)-2,7-dimethyl-pyrazolo[1,5-a][1,3,5]triazin-4-amine 'C23 H30 Br N5 O2'
OLA non-polymer 'OLEIC ACID' 'C18 H34 O2'
#
# COMPACT_ATOMS: atom_id res chain seq x y z
N MET A 1 44.75 -9.39 36.62
CA MET A 1 44.20 -10.16 37.74
C MET A 1 42.68 -10.10 37.74
N GLU A 2 42.09 -9.76 38.88
CA GLU A 2 40.63 -9.72 38.99
C GLU A 2 39.98 -8.93 37.88
N ILE A 3 40.74 -8.04 37.22
CA ILE A 3 40.23 -7.38 36.02
C ILE A 3 39.97 -8.41 34.93
N LEU A 4 40.93 -9.31 34.69
CA LEU A 4 40.82 -10.27 33.59
C LEU A 4 39.61 -11.18 33.76
N ASN A 5 39.38 -11.68 34.98
CA ASN A 5 38.21 -12.54 35.21
C ASN A 5 36.91 -11.76 35.01
N GLU A 6 36.92 -10.45 35.31
CA GLU A 6 35.77 -9.63 34.97
C GLU A 6 35.67 -9.40 33.46
N GLU A 7 36.79 -9.48 32.75
CA GLU A 7 36.75 -9.37 31.29
C GLU A 7 36.25 -10.67 30.66
N LYS A 8 36.68 -11.82 31.19
CA LYS A 8 36.22 -13.10 30.65
C LYS A 8 34.71 -13.25 30.81
N LYS A 9 34.16 -12.81 31.94
CA LYS A 9 32.72 -12.93 32.18
C LYS A 9 31.92 -12.19 31.10
N SER A 10 32.34 -10.97 30.76
CA SER A 10 31.66 -10.22 29.72
C SER A 10 31.67 -10.97 28.39
N LYS A 11 32.82 -11.56 28.05
CA LYS A 11 32.90 -12.30 26.79
C LYS A 11 31.81 -13.38 26.72
N VAL A 12 31.57 -14.07 27.84
CA VAL A 12 30.46 -15.01 27.92
C VAL A 12 29.13 -14.34 27.58
N HIS A 13 28.82 -13.22 28.24
CA HIS A 13 27.50 -12.61 28.06
C HIS A 13 27.35 -12.02 26.67
N TYR A 14 28.43 -11.47 26.10
CA TYR A 14 28.41 -11.05 24.70
C TYR A 14 28.27 -12.25 23.76
N HIS A 15 29.01 -13.34 24.04
CA HIS A 15 28.87 -14.54 23.22
C HIS A 15 27.47 -15.15 23.36
N VAL A 16 26.85 -14.99 24.52
CA VAL A 16 25.47 -15.48 24.65
C VAL A 16 24.52 -14.60 23.84
N ALA A 17 24.71 -13.27 23.89
CA ALA A 17 23.87 -12.38 23.09
C ALA A 17 23.97 -12.75 21.62
N ALA A 18 25.18 -12.97 21.12
CA ALA A 18 25.38 -13.37 19.73
C ALA A 18 24.59 -14.62 19.38
N ILE A 19 24.44 -15.55 20.33
CA ILE A 19 23.73 -16.79 20.02
C ILE A 19 22.23 -16.54 19.94
N ILE A 20 21.71 -15.72 20.85
CA ILE A 20 20.33 -15.25 20.73
C ILE A 20 20.10 -14.60 19.39
N ASN A 21 21.10 -13.85 18.90
CA ASN A 21 20.89 -13.06 17.68
C ASN A 21 20.88 -13.95 16.43
N TYR A 22 21.75 -14.98 16.36
CA TYR A 22 21.73 -15.91 15.23
C TYR A 22 20.46 -16.77 15.24
N LEU A 23 20.10 -17.28 16.42
CA LEU A 23 18.89 -18.09 16.57
C LEU A 23 17.65 -17.34 16.10
N GLY A 24 17.45 -16.12 16.61
CA GLY A 24 16.27 -15.35 16.25
C GLY A 24 16.18 -15.10 14.76
N HIS A 25 17.30 -14.73 14.14
CA HIS A 25 17.30 -14.47 12.71
C HIS A 25 17.01 -15.72 11.88
N CYS A 26 17.47 -16.91 12.31
CA CYS A 26 17.11 -18.13 11.58
C CYS A 26 15.63 -18.45 11.72
N ILE A 27 15.07 -18.29 12.92
CA ILE A 27 13.64 -18.55 13.11
C ILE A 27 12.81 -17.55 12.30
N SER A 28 13.19 -16.26 12.34
CA SER A 28 12.46 -15.24 11.59
C SER A 28 12.48 -15.53 10.10
N LEU A 29 13.65 -15.89 9.56
CA LEU A 29 13.74 -16.11 8.11
C LEU A 29 12.87 -17.29 7.66
N VAL A 30 12.84 -18.38 8.45
CA VAL A 30 12.01 -19.51 8.07
C VAL A 30 10.54 -19.13 8.16
N ALA A 31 10.16 -18.39 9.20
CA ALA A 31 8.78 -17.93 9.36
C ALA A 31 8.34 -17.03 8.20
N LEU A 32 9.23 -16.16 7.74
CA LEU A 32 8.87 -15.32 6.59
C LEU A 32 8.76 -16.13 5.30
N LEU A 33 9.64 -17.14 5.13
CA LEU A 33 9.58 -18.00 3.95
C LEU A 33 8.28 -18.80 3.91
N VAL A 34 7.89 -19.36 5.06
CA VAL A 34 6.63 -20.08 5.16
C VAL A 34 5.47 -19.14 4.85
N ALA A 35 5.50 -17.92 5.42
CA ALA A 35 4.41 -16.98 5.17
C ALA A 35 4.40 -16.53 3.71
N PHE A 36 5.57 -16.37 3.09
CA PHE A 36 5.62 -15.99 1.69
C PHE A 36 4.92 -17.03 0.80
N VAL A 37 5.35 -18.30 0.87
CA VAL A 37 4.78 -19.29 -0.06
C VAL A 37 3.30 -19.47 0.18
N LEU A 38 2.84 -19.39 1.44
CA LEU A 38 1.41 -19.37 1.72
C LEU A 38 0.68 -18.27 0.94
N PHE A 39 1.22 -17.04 0.94
CA PHE A 39 0.56 -15.97 0.18
C PHE A 39 0.57 -16.27 -1.33
N LEU A 40 1.69 -16.76 -1.86
CA LEU A 40 1.81 -16.97 -3.31
C LEU A 40 0.88 -18.05 -3.82
N ARG A 41 0.49 -18.98 -2.94
CA ARG A 41 -0.33 -20.11 -3.34
C ARG A 41 -1.77 -19.68 -3.57
N ALA A 42 -2.33 -18.89 -2.65
CA ALA A 42 -3.73 -18.50 -2.70
C ALA A 42 -4.09 -17.83 -4.02
N ARG A 43 -5.32 -18.08 -4.49
CA ARG A 43 -5.84 -17.31 -5.62
C ARG A 43 -5.98 -15.84 -5.24
N SER A 44 -6.17 -15.55 -3.96
CA SER A 44 -6.26 -14.19 -3.45
C SER A 44 -4.95 -13.41 -3.62
N ILE A 45 -3.97 -14.00 -4.31
CA ILE A 45 -2.72 -13.26 -4.56
C ILE A 45 -2.92 -12.13 -5.56
N ARG A 46 -4.09 -12.05 -6.20
CA ARG A 46 -4.37 -11.03 -7.21
C ARG A 46 -5.12 -9.82 -6.67
N CYS A 47 -5.75 -9.91 -5.48
CA CYS A 47 -6.24 -8.70 -4.80
C CYS A 47 -5.09 -7.75 -4.47
N LEU A 48 -5.35 -6.46 -4.65
CA LEU A 48 -4.36 -5.44 -4.32
C LEU A 48 -3.75 -5.66 -2.93
N ARG A 49 -4.58 -5.98 -1.93
CA ARG A 49 -4.04 -5.95 -0.58
C ARG A 49 -3.12 -7.12 -0.31
N ASN A 50 -3.31 -8.24 -1.03
CA ASN A 50 -2.39 -9.35 -0.89
C ASN A 50 -1.12 -9.14 -1.71
N ILE A 51 -1.19 -8.35 -2.78
CA ILE A 51 0.05 -7.95 -3.46
C ILE A 51 0.92 -7.15 -2.49
N ILE A 52 0.28 -6.26 -1.72
CA ILE A 52 1.01 -5.42 -0.78
C ILE A 52 1.66 -6.28 0.31
N HIS A 53 0.89 -7.19 0.92
CA HIS A 53 1.44 -8.10 1.92
C HIS A 53 2.66 -8.87 1.40
N ALA A 54 2.55 -9.47 0.19
CA ALA A 54 3.62 -10.35 -0.28
C ALA A 54 4.91 -9.57 -0.55
N ASN A 55 4.79 -8.36 -1.11
CA ASN A 55 5.95 -7.50 -1.30
C ASN A 55 6.53 -7.07 0.04
N LEU A 56 5.66 -6.76 1.01
CA LEU A 56 6.15 -6.46 2.35
C LEU A 56 6.97 -7.63 2.90
N ILE A 57 6.45 -8.86 2.79
CA ILE A 57 7.17 -10.04 3.28
C ILE A 57 8.50 -10.19 2.55
N ALA A 58 8.47 -10.07 1.22
CA ALA A 58 9.71 -10.18 0.45
C ALA A 58 10.76 -9.18 0.96
N ALA A 59 10.35 -7.93 1.19
CA ALA A 59 11.30 -6.92 1.64
C ALA A 59 11.97 -7.33 2.96
N PHE A 60 11.21 -7.98 3.85
CA PHE A 60 11.77 -8.44 5.12
C PHE A 60 12.63 -9.70 4.96
N ILE A 61 12.33 -10.54 3.97
CA ILE A 61 13.20 -11.67 3.69
C ILE A 61 14.57 -11.19 3.25
N LEU A 62 14.60 -10.19 2.36
CA LEU A 62 15.87 -9.74 1.81
C LEU A 62 16.73 -9.12 2.90
N ARG A 63 16.10 -8.35 3.80
CA ARG A 63 16.82 -7.75 4.90
C ARG A 63 17.36 -8.80 5.87
N ASN A 64 16.56 -9.81 6.19
CA ASN A 64 17.00 -10.83 7.13
C ASN A 64 18.00 -11.79 6.51
N ALA A 65 17.92 -12.06 5.21
CA ALA A 65 18.99 -12.85 4.58
C ALA A 65 20.29 -12.07 4.52
N THR A 66 20.20 -10.77 4.19
CA THR A 66 21.38 -9.92 4.11
C THR A 66 22.07 -9.75 5.46
N TRP A 67 21.31 -9.81 6.56
CA TRP A 67 21.91 -9.72 7.90
C TRP A 67 23.03 -10.76 8.06
N PHE A 68 22.82 -11.96 7.53
CA PHE A 68 23.84 -13.00 7.65
C PHE A 68 25.11 -12.58 6.91
N VAL A 69 24.95 -12.05 5.71
CA VAL A 69 26.13 -11.58 4.98
C VAL A 69 26.79 -10.44 5.75
N VAL A 70 26.00 -9.55 6.36
CA VAL A 70 26.60 -8.44 7.13
C VAL A 70 27.50 -9.00 8.24
N GLN A 71 27.11 -10.11 8.88
CA GLN A 71 27.92 -10.65 9.97
C GLN A 71 29.34 -10.95 9.51
N LEU A 72 29.51 -11.33 8.25
CA LEU A 72 30.84 -11.60 7.71
C LEU A 72 31.63 -10.33 7.39
N THR A 73 31.06 -9.13 7.61
CA THR A 73 31.80 -7.87 7.46
C THR A 73 32.17 -7.26 8.81
N MET A 74 31.70 -7.85 9.91
CA MET A 74 32.01 -7.33 11.22
C MET A 74 33.35 -7.87 11.74
N SER A 75 34.05 -8.65 10.91
CA SER A 75 35.43 -8.99 11.20
C SER A 75 36.27 -7.72 11.28
N PRO A 76 37.12 -7.58 12.31
CA PRO A 76 37.95 -6.36 12.43
C PRO A 76 38.86 -6.13 11.23
N GLU A 77 39.44 -7.20 10.68
CA GLU A 77 40.25 -7.08 9.47
C GLU A 77 39.42 -6.52 8.32
N VAL A 78 38.26 -7.13 8.03
CA VAL A 78 37.41 -6.60 6.97
C VAL A 78 36.94 -5.19 7.29
N HIS A 79 36.55 -4.95 8.55
CA HIS A 79 35.91 -3.68 8.87
C HIS A 79 36.84 -2.51 8.55
N GLN A 80 38.13 -2.63 8.95
CA GLN A 80 39.13 -1.60 8.72
C GLN A 80 39.59 -1.55 7.26
N SER A 81 39.46 -2.66 6.53
CA SER A 81 39.99 -2.67 5.16
C SER A 81 39.13 -1.85 4.19
N ASN A 82 37.85 -1.62 4.50
CA ASN A 82 36.94 -0.83 3.64
C ASN A 82 36.99 -1.31 2.18
N VAL A 83 37.08 -2.63 2.00
CA VAL A 83 37.06 -3.22 0.66
C VAL A 83 35.71 -2.97 -0.03
N GLY A 84 35.73 -3.01 -1.37
CA GLY A 84 34.56 -2.59 -2.15
C GLY A 84 33.32 -3.41 -1.89
N TRP A 85 33.43 -4.74 -1.92
CA TRP A 85 32.27 -5.58 -1.64
C TRP A 85 31.76 -5.35 -0.23
N CYS A 86 32.60 -4.78 0.62
CA CYS A 86 32.25 -4.54 2.01
C CYS A 86 31.30 -3.35 2.12
N ARG A 87 31.52 -2.33 1.29
CA ARG A 87 30.61 -1.19 1.27
C ARG A 87 29.32 -1.51 0.53
N LEU A 88 29.37 -2.41 -0.47
CA LEU A 88 28.18 -2.76 -1.23
C LEU A 88 27.21 -3.57 -0.39
N VAL A 89 27.74 -4.44 0.48
CA VAL A 89 26.93 -5.18 1.45
C VAL A 89 26.22 -4.23 2.42
N THR A 90 26.94 -3.25 2.97
CA THR A 90 26.32 -2.27 3.88
C THR A 90 25.23 -1.45 3.20
N ALA A 91 25.45 -1.00 1.96
CA ALA A 91 24.44 -0.22 1.26
C ALA A 91 23.18 -1.05 0.96
N ALA A 92 23.35 -2.30 0.54
CA ALA A 92 22.23 -3.19 0.29
C ALA A 92 21.42 -3.40 1.56
N TYR A 93 22.12 -3.58 2.68
CA TYR A 93 21.42 -3.76 3.93
C TYR A 93 20.64 -2.50 4.34
N ASN A 94 21.20 -1.30 4.13
CA ASN A 94 20.47 -0.09 4.50
C ASN A 94 19.30 0.15 3.53
N TYR A 95 19.53 -0.09 2.23
CA TYR A 95 18.44 -0.02 1.26
C TYR A 95 17.25 -0.86 1.73
N PHE A 96 17.49 -2.16 1.97
CA PHE A 96 16.42 -3.03 2.45
C PHE A 96 15.80 -2.49 3.73
N HIS A 97 16.63 -1.95 4.65
CA HIS A 97 16.06 -1.32 5.83
C HIS A 97 15.08 -0.18 5.46
N VAL A 98 15.44 0.66 4.49
CA VAL A 98 14.54 1.74 4.12
C VAL A 98 13.26 1.18 3.47
N THR A 99 13.37 0.11 2.66
CA THR A 99 12.17 -0.48 2.05
C THR A 99 11.24 -1.09 3.09
N ASN A 100 11.77 -1.51 4.23
CA ASN A 100 10.90 -2.00 5.31
C ASN A 100 10.02 -0.88 5.85
N PHE A 101 10.59 0.31 6.09
CA PHE A 101 9.78 1.46 6.52
C PHE A 101 8.78 1.88 5.44
N PHE A 102 9.18 1.84 4.17
CA PHE A 102 8.34 2.42 3.13
C PHE A 102 7.19 1.49 2.75
N TRP A 103 7.38 0.16 2.89
CA TRP A 103 6.30 -0.79 2.70
C TRP A 103 5.30 -0.77 3.87
N MET A 104 5.76 -0.54 5.11
CA MET A 104 4.81 -0.35 6.21
C MET A 104 3.98 0.91 5.97
N PHE A 105 4.61 1.95 5.42
CA PHE A 105 3.89 3.15 5.04
C PHE A 105 2.92 2.85 3.90
N GLY A 106 3.32 1.94 3.00
CA GLY A 106 2.42 1.48 1.95
C GLY A 106 1.18 0.83 2.54
N GLU A 107 1.37 -0.01 3.56
CA GLU A 107 0.21 -0.59 4.24
C GLU A 107 -0.69 0.49 4.84
N GLY A 108 -0.10 1.52 5.46
CA GLY A 108 -0.92 2.56 6.07
C GLY A 108 -1.70 3.38 5.04
N CYS A 109 -1.06 3.66 3.90
CA CYS A 109 -1.69 4.43 2.85
C CYS A 109 -2.89 3.68 2.27
N TYR A 110 -2.74 2.36 2.06
CA TYR A 110 -3.83 1.55 1.49
C TYR A 110 -5.02 1.50 2.44
N LEU A 111 -4.75 1.28 3.74
CA LEU A 111 -5.81 1.22 4.74
C LEU A 111 -6.58 2.55 4.86
N HIS A 112 -5.88 3.66 4.77
CA HIS A 112 -6.55 4.96 4.82
C HIS A 112 -7.41 5.18 3.56
N THR A 113 -6.96 4.68 2.41
CA THR A 113 -7.66 4.87 1.15
C THR A 113 -8.85 3.92 1.02
N ALA A 114 -8.70 2.69 1.48
CA ALA A 114 -9.75 1.69 1.37
C ALA A 114 -11.02 2.10 2.12
N ILE A 115 -10.92 2.85 3.23
CA ILE A 115 -12.13 3.25 3.94
C ILE A 115 -12.67 4.61 3.50
N VAL A 116 -11.99 5.32 2.62
CA VAL A 116 -12.42 6.65 2.21
C VAL A 116 -12.85 6.70 0.74
N LEU A 117 -12.39 5.77 -0.09
CA LEU A 117 -12.79 5.73 -1.50
C LEU A 117 -13.18 4.30 -1.82
N THR A 118 -14.45 4.10 -2.14
CA THR A 118 -14.76 2.97 -3.00
C THR A 118 -13.87 3.36 -4.16
N ASP A 122 -6.87 -3.96 -9.88
CA ASP A 122 -5.93 -4.17 -8.79
C ASP A 122 -4.49 -4.19 -9.32
N ARG A 123 -4.29 -4.81 -10.50
CA ARG A 123 -2.94 -4.94 -11.04
C ARG A 123 -2.40 -3.61 -11.57
N LEU A 124 -3.27 -2.68 -11.98
CA LEU A 124 -2.76 -1.36 -12.35
C LEU A 124 -2.41 -0.52 -11.11
N ARG A 125 -3.28 -0.51 -10.09
CA ARG A 125 -3.06 0.35 -8.93
C ARG A 125 -1.82 -0.07 -8.14
N ALA A 126 -1.46 -1.37 -8.23
CA ALA A 126 -0.31 -1.91 -7.51
C ALA A 126 0.96 -1.12 -7.84
N TRP A 127 1.10 -0.65 -9.08
CA TRP A 127 2.33 0.00 -9.49
C TRP A 127 2.63 1.22 -8.64
N MET A 128 1.61 1.89 -8.09
CA MET A 128 1.85 2.99 -7.19
C MET A 128 2.57 2.52 -5.92
N PHE A 129 2.14 1.40 -5.36
CA PHE A 129 2.74 0.90 -4.13
C PHE A 129 4.12 0.30 -4.39
N ILE A 130 4.30 -0.40 -5.53
CA ILE A 130 5.60 -0.87 -5.94
C ILE A 130 6.58 0.29 -6.10
N CYS A 131 6.12 1.40 -6.68
CA CYS A 131 6.96 2.57 -6.89
C CYS A 131 7.36 3.24 -5.55
N ILE A 132 6.43 3.30 -4.59
CA ILE A 132 6.75 3.90 -3.31
C ILE A 132 7.65 2.97 -2.47
N GLY A 133 7.35 1.67 -2.44
CA GLY A 133 8.05 0.70 -1.61
C GLY A 133 9.44 0.28 -2.06
N TRP A 134 9.61 -0.07 -3.34
CA TRP A 134 10.91 -0.42 -3.90
C TRP A 134 11.61 0.75 -4.58
N GLY A 135 10.86 1.72 -5.12
CA GLY A 135 11.39 2.74 -6.00
C GLY A 135 11.99 3.96 -5.34
N VAL A 136 11.21 4.62 -4.49
CA VAL A 136 11.68 5.84 -3.82
C VAL A 136 12.94 5.60 -2.99
N PRO A 137 13.08 4.49 -2.26
CA PRO A 137 14.35 4.30 -1.50
C PRO A 137 15.58 4.21 -2.38
N PHE A 138 15.48 3.82 -3.64
CA PHE A 138 16.69 3.67 -4.45
C PHE A 138 17.47 4.96 -4.62
N PRO A 139 16.88 6.08 -5.06
CA PRO A 139 17.65 7.34 -5.09
C PRO A 139 18.10 7.84 -3.72
N ILE A 140 17.39 7.48 -2.64
CA ILE A 140 17.79 7.94 -1.32
C ILE A 140 19.10 7.27 -0.93
N ILE A 141 19.22 5.97 -1.22
CA ILE A 141 20.42 5.22 -0.87
C ILE A 141 21.58 5.64 -1.77
N VAL A 142 21.30 5.85 -3.06
CA VAL A 142 22.34 6.43 -3.91
C VAL A 142 22.82 7.76 -3.33
N ALA A 143 21.89 8.64 -2.98
CA ALA A 143 22.31 9.91 -2.38
C ALA A 143 23.19 9.66 -1.15
N TRP A 144 22.80 8.71 -0.30
CA TRP A 144 23.57 8.48 0.92
C TRP A 144 24.95 7.95 0.59
N ALA A 145 25.07 7.14 -0.47
CA ALA A 145 26.34 6.56 -0.85
C ALA A 145 27.28 7.60 -1.42
N ILE A 146 26.75 8.55 -2.18
CA ILE A 146 27.56 9.67 -2.63
C ILE A 146 28.06 10.44 -1.41
N GLY A 147 27.20 10.61 -0.40
CA GLY A 147 27.65 11.23 0.83
C GLY A 147 28.77 10.46 1.49
N LYS A 148 28.60 9.14 1.65
CA LYS A 148 29.63 8.34 2.29
C LYS A 148 30.95 8.45 1.54
N LEU A 149 30.88 8.55 0.22
CA LEU A 149 32.10 8.62 -0.58
C LEU A 149 32.92 9.88 -0.28
N TYR A 150 32.28 11.07 -0.25
CA TYR A 150 33.13 12.26 -0.19
C TYR A 150 33.37 12.79 1.22
N TYR A 151 32.68 12.28 2.24
CA TYR A 151 32.77 12.82 3.59
C TYR A 151 32.98 11.78 4.67
N ASP A 152 32.84 10.49 4.39
CA ASP A 152 32.93 9.51 5.46
C ASP A 152 33.24 8.13 4.90
N ASN A 153 34.23 8.07 3.99
CA ASN A 153 34.57 6.83 3.29
C ASN A 153 35.47 5.96 4.17
N GLU A 154 34.86 5.28 5.15
CA GLU A 154 35.61 4.38 6.02
C GLU A 154 34.73 3.27 6.56
N LYS A 155 35.39 2.21 7.05
CA LYS A 155 34.76 1.21 7.91
C LYS A 155 33.54 0.56 7.24
N CYS A 156 33.63 0.35 5.92
CA CYS A 156 32.54 -0.25 5.17
C CYS A 156 31.23 0.53 5.33
N TRP A 157 31.34 1.84 5.52
CA TRP A 157 30.20 2.74 5.61
C TRP A 157 29.32 2.46 6.83
N ALA A 158 29.75 1.57 7.73
CA ALA A 158 28.99 1.23 8.92
C ALA A 158 29.64 1.81 10.17
N GLY A 159 30.39 2.88 10.02
CA GLY A 159 31.00 3.51 11.17
C GLY A 159 30.03 4.40 11.93
N LYS A 160 30.39 4.66 13.19
CA LYS A 160 29.78 5.72 13.97
C LYS A 160 30.88 6.73 14.25
N ARG A 161 30.70 7.96 13.75
CA ARG A 161 31.69 9.03 13.88
C ARG A 161 30.98 10.28 14.34
N PRO A 162 31.40 10.90 15.44
CA PRO A 162 30.65 12.02 16.01
C PRO A 162 30.77 13.29 15.17
N GLY A 163 29.62 13.90 14.85
CA GLY A 163 29.56 15.15 14.14
C GLY A 163 29.05 15.03 12.71
N VAL A 164 29.33 13.91 12.04
CA VAL A 164 28.80 13.71 10.69
C VAL A 164 27.33 13.35 10.80
N TYR A 165 26.54 13.82 9.84
CA TYR A 165 25.14 13.46 9.78
C TYR A 165 24.82 12.86 8.44
N THR A 166 25.82 12.23 7.80
CA THR A 166 25.59 11.67 6.48
C THR A 166 24.45 10.65 6.49
N ASP A 167 24.23 9.97 7.63
CA ASP A 167 23.20 8.94 7.73
C ASP A 167 21.79 9.53 7.82
N TYR A 168 21.66 10.80 8.21
CA TYR A 168 20.36 11.45 8.18
C TYR A 168 19.76 11.44 6.78
N ILE A 169 20.61 11.32 5.75
CA ILE A 169 20.12 11.33 4.38
C ILE A 169 19.13 10.20 4.16
N TYR A 170 19.36 9.05 4.79
CA TYR A 170 18.40 7.97 4.74
C TYR A 170 17.60 7.79 6.04
N GLN A 171 18.07 8.32 7.17
CA GLN A 171 17.30 8.19 8.40
C GLN A 171 16.17 9.22 8.49
N GLY A 172 16.36 10.40 7.94
CA GLY A 172 15.32 11.40 7.97
C GLY A 172 14.07 10.96 7.23
N PRO A 173 14.23 10.42 6.00
CA PRO A 173 13.03 9.92 5.28
C PRO A 173 12.28 8.86 6.08
N MET A 174 13.00 8.02 6.84
CA MET A 174 12.38 6.98 7.65
C MET A 174 11.48 7.62 8.71
N ALA A 175 12.00 8.61 9.44
CA ALA A 175 11.20 9.23 10.49
C ALA A 175 10.00 9.96 9.92
N LEU A 176 10.15 10.51 8.72
CA LEU A 176 9.10 11.31 8.14
C LEU A 176 7.91 10.43 7.72
N VAL A 177 8.18 9.25 7.13
CA VAL A 177 7.04 8.38 6.76
C VAL A 177 6.43 7.81 8.03
N LEU A 178 7.19 7.67 9.10
CA LEU A 178 6.55 7.24 10.35
C LEU A 178 5.63 8.33 10.87
N LEU A 179 6.08 9.59 10.80
CA LEU A 179 5.25 10.70 11.23
C LEU A 179 3.94 10.76 10.44
N ILE A 180 4.00 10.55 9.13
CA ILE A 180 2.77 10.57 8.33
C ILE A 180 1.88 9.37 8.66
N ASN A 181 2.47 8.18 8.91
CA ASN A 181 1.61 7.08 9.34
C ASN A 181 0.89 7.37 10.66
N PHE A 182 1.46 8.20 11.54
CA PHE A 182 0.75 8.55 12.77
C PHE A 182 -0.50 9.38 12.46
N ILE A 183 -0.39 10.34 11.54
CA ILE A 183 -1.55 11.11 11.12
C ILE A 183 -2.62 10.20 10.52
N PHE A 184 -2.22 9.28 9.62
CA PHE A 184 -3.16 8.31 9.05
C PHE A 184 -3.91 7.56 10.16
N LEU A 185 -3.19 7.16 11.21
CA LEU A 185 -3.78 6.31 12.25
C LEU A 185 -4.83 7.06 13.05
N PHE A 186 -4.55 8.34 13.39
CA PHE A 186 -5.52 9.14 14.13
C PHE A 186 -6.80 9.33 13.29
N ASN A 187 -6.65 9.58 12.00
CA ASN A 187 -7.84 9.80 11.17
C ASN A 187 -8.62 8.51 10.95
N ILE A 188 -7.92 7.37 10.83
CA ILE A 188 -8.61 6.10 10.71
C ILE A 188 -9.42 5.83 11.97
N VAL A 189 -8.79 6.01 13.13
CA VAL A 189 -9.51 5.87 14.40
C VAL A 189 -10.63 6.91 14.48
N ARG A 190 -10.34 8.15 14.09
CA ARG A 190 -11.34 9.22 14.11
C ARG A 190 -12.55 8.83 13.26
N ILE A 191 -12.29 8.37 12.03
CA ILE A 191 -13.35 8.00 11.09
C ILE A 191 -14.09 6.76 11.57
N LEU A 192 -13.35 5.74 12.03
CA LEU A 192 -13.97 4.51 12.51
C LEU A 192 -14.89 4.76 13.70
N MET A 193 -14.69 5.85 14.43
CA MET A 193 -15.39 5.99 15.69
C MET A 193 -16.49 7.06 15.66
N THR A 194 -16.48 7.92 14.64
CA THR A 194 -17.59 8.81 14.33
C THR A 194 -18.49 8.22 13.23
N LYS A 195 -18.09 8.38 11.97
CA LYS A 195 -18.96 8.11 10.83
C LYS A 195 -19.25 6.62 10.66
N LEU A 196 -18.26 5.74 10.84
CA LEU A 196 -18.44 4.33 10.57
C LEU A 196 -18.71 3.51 11.83
N ARG A 197 -19.15 4.17 12.90
CA ARG A 197 -19.39 3.47 14.17
C ARG A 197 -20.39 2.33 14.01
N ALA A 198 -21.41 2.49 13.15
CA ALA A 198 -22.44 1.48 12.98
C ALA A 198 -22.27 0.66 11.71
N SER A 199 -21.14 0.79 11.04
CA SER A 199 -20.95 0.23 9.70
C SER A 199 -20.50 -1.23 9.77
N THR A 200 -20.70 -1.96 8.66
CA THR A 200 -20.27 -3.35 8.52
C THR A 200 -20.00 -3.74 7.07
N THR A 201 -19.61 -2.78 6.22
CA THR A 201 -18.94 -3.10 4.97
C THR A 201 -17.79 -4.06 5.23
N SER A 202 -17.51 -4.92 4.26
CA SER A 202 -16.41 -5.88 4.43
C SER A 202 -15.09 -5.17 4.74
N GLU A 203 -14.85 -4.03 4.10
CA GLU A 203 -13.61 -3.32 4.32
C GLU A 203 -13.57 -2.58 5.66
N THR A 204 -14.71 -2.53 6.38
CA THR A 204 -14.75 -1.97 7.72
C THR A 204 -14.35 -3.00 8.78
N ILE A 205 -14.98 -4.19 8.75
CA ILE A 205 -14.60 -5.27 9.67
C ILE A 205 -13.10 -5.51 9.63
N GLN A 206 -12.59 -5.81 8.44
CA GLN A 206 -11.16 -6.05 8.19
C GLN A 206 -10.28 -4.85 8.55
N ALA A 207 -10.86 -3.65 8.58
CA ALA A 207 -10.11 -2.44 8.96
C ALA A 207 -9.97 -2.31 10.47
N ARG A 208 -11.03 -2.63 11.23
CA ARG A 208 -10.86 -2.64 12.68
C ARG A 208 -9.88 -3.72 13.11
N LYS A 209 -9.80 -4.83 12.36
CA LYS A 209 -8.81 -5.86 12.66
C LYS A 209 -7.40 -5.31 12.50
N ALA A 210 -7.19 -4.58 11.40
CA ALA A 210 -5.91 -3.95 11.15
C ALA A 210 -5.54 -3.01 12.30
N VAL A 211 -6.44 -2.09 12.65
CA VAL A 211 -6.14 -1.09 13.70
C VAL A 211 -5.77 -1.78 15.00
N LYS A 212 -6.50 -2.83 15.36
CA LYS A 212 -6.19 -3.52 16.60
C LYS A 212 -4.82 -4.20 16.52
N ALA A 213 -4.54 -4.85 15.39
CA ALA A 213 -3.25 -5.53 15.22
C ALA A 213 -2.11 -4.53 15.16
N THR A 214 -2.32 -3.41 14.46
CA THR A 214 -1.33 -2.34 14.43
C THR A 214 -1.05 -1.76 15.82
N LEU A 215 -2.08 -1.68 16.67
CA LEU A 215 -1.86 -1.15 18.02
C LEU A 215 -1.10 -2.15 18.88
N VAL A 216 -1.22 -3.44 18.61
CA VAL A 216 -0.46 -4.46 19.32
C VAL A 216 0.98 -4.49 18.83
N LEU A 217 1.17 -4.49 17.51
CA LEU A 217 2.51 -4.55 16.96
C LEU A 217 3.32 -3.29 17.27
N LEU A 218 2.67 -2.13 17.31
CA LEU A 218 3.39 -0.86 17.33
C LEU A 218 4.28 -0.73 18.56
N PRO A 219 3.81 -1.02 19.77
CA PRO A 219 4.73 -1.03 20.92
C PRO A 219 5.81 -2.10 20.83
N LEU A 220 5.48 -3.32 20.36
CA LEU A 220 6.51 -4.35 20.21
C LEU A 220 7.68 -3.84 19.39
N LEU A 221 7.39 -3.27 18.21
CA LEU A 221 8.46 -2.79 17.36
C LEU A 221 9.04 -1.47 17.85
N GLY A 222 8.25 -0.66 18.56
CA GLY A 222 8.71 0.65 18.97
C GLY A 222 9.82 0.62 20.01
N ILE A 223 9.70 -0.26 21.01
CA ILE A 223 10.73 -0.35 22.03
C ILE A 223 12.11 -0.52 21.40
N THR A 224 12.20 -1.43 20.43
CA THR A 224 13.47 -1.76 19.78
C THR A 224 14.20 -0.49 19.36
N TYR A 225 13.48 0.46 18.75
CA TYR A 225 14.11 1.64 18.13
C TYR A 225 14.43 2.72 19.15
N MET A 226 13.68 2.79 20.25
CA MET A 226 13.97 3.76 21.28
C MET A 226 15.18 3.33 22.12
N LEU A 227 15.37 2.00 22.29
CA LEU A 227 16.51 1.48 23.05
C LEU A 227 17.85 1.76 22.40
N ALA A 228 17.90 1.90 21.08
CA ALA A 228 19.10 2.33 20.38
C ALA A 228 19.57 3.72 20.78
N PHE A 229 18.84 4.41 21.66
CA PHE A 229 19.25 5.72 22.18
C PHE A 229 19.63 5.70 23.65
N VAL A 230 19.29 4.64 24.38
CA VAL A 230 19.62 4.58 25.80
C VAL A 230 21.11 4.28 25.96
N ASN A 231 21.75 4.98 26.89
CA ASN A 231 23.02 4.52 27.42
C ASN A 231 22.73 3.59 28.60
N PRO A 232 23.14 2.31 28.54
CA PRO A 232 22.63 1.33 29.52
C PRO A 232 23.07 1.60 30.95
N GLY A 233 24.37 1.81 31.15
CA GLY A 233 24.89 1.96 32.49
C GLY A 233 25.76 0.79 32.90
N GLU A 234 26.47 1.00 34.01
CA GLU A 234 27.61 0.15 34.36
C GLU A 234 27.26 -0.93 35.38
N ASP A 235 26.06 -0.87 35.97
CA ASP A 235 25.55 -1.96 36.79
C ASP A 235 25.57 -3.28 36.00
N GLU A 236 26.19 -4.30 36.59
CA GLU A 236 26.26 -5.61 35.94
C GLU A 236 24.86 -6.11 35.57
N VAL A 237 23.92 -6.01 36.50
CA VAL A 237 22.54 -6.37 36.20
C VAL A 237 22.01 -5.52 35.05
N SER A 238 22.36 -4.23 35.04
CA SER A 238 21.84 -3.32 34.01
C SER A 238 22.37 -3.71 32.62
N ARG A 239 23.68 -3.95 32.52
CA ARG A 239 24.27 -4.25 31.22
C ARG A 239 23.71 -5.55 30.65
N VAL A 240 23.83 -6.66 31.40
CA VAL A 240 23.46 -7.97 30.87
C VAL A 240 22.01 -7.99 30.42
N VAL A 241 21.12 -7.34 31.19
CA VAL A 241 19.71 -7.35 30.83
C VAL A 241 19.47 -6.50 29.59
N PHE A 242 20.07 -5.31 29.54
CA PHE A 242 19.99 -4.47 28.34
C PHE A 242 20.43 -5.24 27.10
N ILE A 243 21.56 -5.95 27.21
CA ILE A 243 22.12 -6.65 26.06
C ILE A 243 21.24 -7.80 25.62
N TYR A 244 20.63 -8.52 26.59
CA TYR A 244 19.83 -9.69 26.22
C TYR A 244 18.43 -9.30 25.76
N PHE A 245 17.82 -8.31 26.40
CA PHE A 245 16.51 -7.86 25.95
C PHE A 245 16.60 -7.30 24.55
N ASN A 246 17.61 -6.48 24.28
CA ASN A 246 17.77 -5.91 22.94
C ASN A 246 17.98 -7.00 21.89
N ALA A 247 18.81 -8.02 22.21
CA ALA A 247 19.10 -9.06 21.22
C ALA A 247 17.86 -9.90 20.91
N PHE A 248 16.99 -10.13 21.90
CA PHE A 248 15.77 -10.89 21.64
C PHE A 248 14.77 -10.08 20.80
N LEU A 249 14.66 -8.77 21.06
CA LEU A 249 13.67 -7.96 20.36
C LEU A 249 14.10 -7.66 18.93
N GLU A 250 15.34 -7.22 18.74
CA GLU A 250 15.85 -7.01 17.39
C GLU A 250 15.75 -8.28 16.54
N SER A 251 16.14 -9.43 17.09
CA SER A 251 16.27 -10.60 16.22
C SER A 251 14.93 -11.27 15.90
N PHE A 252 13.88 -11.09 16.71
CA PHE A 252 12.58 -11.70 16.41
C PHE A 252 11.63 -10.77 15.66
N GLN A 253 12.08 -9.56 15.29
CA GLN A 253 11.26 -8.63 14.55
C GLN A 253 10.62 -9.28 13.32
N GLY A 254 11.42 -10.02 12.54
CA GLY A 254 10.89 -10.70 11.36
C GLY A 254 9.80 -11.69 11.70
N PHE A 255 9.99 -12.43 12.80
CA PHE A 255 8.95 -13.33 13.28
C PHE A 255 7.65 -12.59 13.57
N PHE A 256 7.72 -11.49 14.35
CA PHE A 256 6.50 -10.76 14.69
C PHE A 256 5.79 -10.26 13.45
N VAL A 257 6.54 -9.83 12.45
CA VAL A 257 5.91 -9.27 11.27
C VAL A 257 5.19 -10.36 10.48
N SER A 258 5.77 -11.57 10.42
CA SER A 258 5.11 -12.65 9.68
C SER A 258 3.80 -13.04 10.36
N VAL A 259 3.77 -13.01 11.70
CA VAL A 259 2.53 -13.25 12.43
C VAL A 259 1.50 -12.18 12.06
N PHE A 260 1.87 -10.91 12.21
CA PHE A 260 1.05 -9.78 11.79
C PHE A 260 0.47 -9.99 10.39
N ALA A 261 1.33 -10.26 9.41
CA ALA A 261 0.86 -10.37 8.03
C ALA A 261 -0.13 -11.52 7.85
N CYS A 262 0.18 -12.68 8.45
CA CYS A 262 -0.73 -13.81 8.26
C CYS A 262 -2.07 -13.54 8.94
N PHE A 263 -2.05 -12.88 10.10
CA PHE A 263 -3.29 -12.50 10.78
C PHE A 263 -4.21 -11.68 9.85
N LEU A 264 -3.66 -10.71 9.12
CA LEU A 264 -4.49 -9.89 8.23
C LEU A 264 -4.94 -10.63 6.97
N ASN A 265 -4.44 -11.85 6.76
CA ASN A 265 -4.92 -12.66 5.65
C ASN A 265 -6.34 -13.13 5.90
N SER A 266 -6.60 -13.60 7.11
CA SER A 266 -7.95 -13.98 7.56
C SER A 266 -9.01 -12.94 7.15
N ASN B 1 -14.24 0.77 -4.37
CA ASN B 1 -13.67 0.17 -5.58
C ASN B 1 -14.28 0.73 -6.90
N ILE B 2 -15.58 1.02 -6.91
CA ILE B 2 -16.18 1.43 -8.17
C ILE B 2 -15.74 2.85 -8.52
N PHE B 3 -15.54 3.69 -7.50
CA PHE B 3 -14.99 5.02 -7.73
C PHE B 3 -13.61 4.94 -8.39
N GLU B 4 -12.73 4.08 -7.87
CA GLU B 4 -11.38 3.93 -8.45
C GLU B 4 -11.46 3.32 -9.85
N MET B 5 -12.41 2.40 -10.06
CA MET B 5 -12.60 1.84 -11.40
C MET B 5 -12.83 2.93 -12.43
N LEU B 6 -13.75 3.86 -12.14
CA LEU B 6 -14.13 4.87 -13.15
C LEU B 6 -13.09 5.98 -13.21
N ARG B 7 -12.55 6.38 -12.06
CA ARG B 7 -11.38 7.26 -12.05
C ARG B 7 -10.33 6.75 -13.02
N ILE B 8 -10.04 5.45 -12.97
CA ILE B 8 -9.03 4.86 -13.84
C ILE B 8 -9.45 4.98 -15.31
N ASP B 9 -10.58 4.42 -15.71
CA ASP B 9 -10.75 4.40 -17.16
C ASP B 9 -11.57 5.57 -17.70
N GLU B 10 -11.85 6.62 -16.90
CA GLU B 10 -12.40 7.86 -17.47
C GLU B 10 -11.62 9.12 -17.09
N GLY B 11 -11.07 9.18 -15.89
CA GLY B 11 -10.29 10.33 -15.43
C GLY B 11 -11.04 11.13 -14.36
N LEU B 12 -10.27 11.99 -13.67
CA LEU B 12 -10.77 12.83 -12.57
C LEU B 12 -10.21 14.25 -12.71
N ARG B 13 -11.10 15.25 -12.68
CA ARG B 13 -10.76 16.67 -12.77
C ARG B 13 -11.32 17.41 -11.56
N LEU B 14 -10.53 18.31 -10.95
CA LEU B 14 -10.99 18.93 -9.71
C LEU B 14 -11.49 20.37 -9.87
N LYS B 15 -11.21 21.04 -11.00
CA LYS B 15 -11.74 22.38 -11.28
C LYS B 15 -12.64 22.36 -12.52
N ILE B 16 -13.73 23.14 -12.48
CA ILE B 16 -14.74 23.09 -13.53
C ILE B 16 -14.13 23.37 -14.90
N TYR B 17 -14.58 22.61 -15.91
CA TYR B 17 -14.11 22.69 -17.29
C TYR B 17 -15.29 22.54 -18.27
N LYS B 18 -15.08 23.02 -19.50
CA LYS B 18 -16.04 22.82 -20.58
C LYS B 18 -15.70 21.54 -21.34
N ASP B 19 -16.75 20.79 -21.73
CA ASP B 19 -16.54 19.53 -22.44
C ASP B 19 -16.47 19.79 -23.95
N THR B 20 -16.37 18.71 -24.74
CA THR B 20 -16.22 18.85 -26.20
C THR B 20 -17.29 19.73 -26.82
N GLU B 21 -18.49 19.76 -26.25
CA GLU B 21 -19.58 20.55 -26.83
C GLU B 21 -19.72 21.92 -26.20
N GLY B 22 -18.96 22.22 -25.14
CA GLY B 22 -18.88 23.55 -24.58
C GLY B 22 -19.64 23.78 -23.29
N TYR B 23 -20.13 22.73 -22.65
CA TYR B 23 -20.87 22.91 -21.41
C TYR B 23 -19.94 22.75 -20.19
N TYR B 24 -20.38 23.27 -19.05
CA TYR B 24 -19.58 23.29 -17.83
C TYR B 24 -19.73 21.95 -17.09
N THR B 25 -18.58 21.36 -16.73
CA THR B 25 -18.51 20.00 -16.19
C THR B 25 -17.40 19.94 -15.12
N ILE B 26 -17.40 18.88 -14.31
CA ILE B 26 -16.37 18.72 -13.29
C ILE B 26 -16.42 17.30 -12.74
N GLY B 27 -15.37 16.92 -12.00
CA GLY B 27 -15.29 15.60 -11.39
C GLY B 27 -14.97 14.49 -12.38
N ILE B 28 -15.66 13.35 -12.23
CA ILE B 28 -15.61 12.30 -13.24
C ILE B 28 -16.77 12.50 -14.22
N GLY B 29 -16.66 13.52 -15.07
CA GLY B 29 -17.66 13.75 -16.09
C GLY B 29 -19.04 14.18 -15.61
N HIS B 30 -19.13 14.96 -14.53
CA HIS B 30 -20.42 15.44 -14.07
C HIS B 30 -20.72 16.78 -14.74
N LEU B 31 -21.68 16.77 -15.68
CA LEU B 31 -22.13 18.00 -16.31
C LEU B 31 -22.92 18.85 -15.32
N LEU B 32 -22.59 20.15 -15.27
CA LEU B 32 -23.22 21.10 -14.35
C LEU B 32 -24.35 21.90 -14.98
N THR B 33 -24.13 22.49 -16.17
CA THR B 33 -25.17 23.29 -16.85
C THR B 33 -24.86 23.57 -18.32
N LYS B 34 -25.85 23.35 -19.19
CA LYS B 34 -25.73 23.78 -20.58
C LYS B 34 -25.90 25.29 -20.72
N SER B 35 -26.25 25.98 -19.65
CA SER B 35 -26.26 27.45 -19.64
C SER B 35 -24.85 27.97 -19.92
N PRO B 36 -24.66 28.85 -20.91
CA PRO B 36 -23.31 29.27 -21.26
C PRO B 36 -22.66 30.17 -20.21
N SER B 37 -23.45 30.80 -19.36
CA SER B 37 -22.89 31.68 -18.34
C SER B 37 -22.23 30.85 -17.24
N LEU B 38 -21.01 31.25 -16.84
CA LEU B 38 -20.39 30.61 -15.69
C LEU B 38 -21.17 30.86 -14.42
N SER B 39 -21.87 32.00 -14.34
CA SER B 39 -22.70 32.29 -13.17
C SER B 39 -23.59 31.10 -12.83
N VAL B 40 -24.37 30.63 -13.81
CA VAL B 40 -25.24 29.47 -13.59
C VAL B 40 -24.42 28.20 -13.35
N ALA B 41 -23.21 28.12 -13.90
CA ALA B 41 -22.39 26.92 -13.70
C ALA B 41 -21.93 26.81 -12.26
N LYS B 42 -21.28 27.86 -11.74
CA LYS B 42 -20.84 27.84 -10.35
C LYS B 42 -22.01 27.87 -9.38
N SER B 43 -23.12 28.50 -9.78
CA SER B 43 -24.30 28.53 -8.91
C SER B 43 -24.85 27.12 -8.70
N GLU B 44 -25.30 26.47 -9.77
CA GLU B 44 -25.74 25.09 -9.66
C GLU B 44 -24.74 24.24 -8.90
N LEU B 45 -23.45 24.57 -9.00
CA LEU B 45 -22.42 23.80 -8.33
C LEU B 45 -22.59 23.86 -6.81
N ASP B 46 -22.58 25.07 -6.24
CA ASP B 46 -22.65 25.19 -4.79
C ASP B 46 -24.00 24.72 -4.25
N LYS B 47 -25.08 24.95 -5.00
CA LYS B 47 -26.35 24.33 -4.64
C LYS B 47 -26.19 22.82 -4.49
N ALA B 48 -25.34 22.22 -5.32
CA ALA B 48 -25.05 20.80 -5.19
C ALA B 48 -24.04 20.53 -4.09
N ILE B 49 -22.87 21.19 -4.15
CA ILE B 49 -21.84 20.96 -3.14
C ILE B 49 -22.22 21.56 -1.79
N GLY B 50 -23.09 22.57 -1.78
CA GLY B 50 -23.52 23.18 -0.52
C GLY B 50 -22.36 23.55 0.37
N ARG B 51 -21.23 23.92 -0.23
CA ARG B 51 -20.04 24.33 0.49
C ARG B 51 -19.73 25.78 0.14
N ASN B 52 -18.67 26.33 0.74
CA ASN B 52 -18.23 27.67 0.41
C ASN B 52 -18.04 27.78 -1.09
N SER B 53 -18.70 28.76 -1.70
CA SER B 53 -18.72 28.87 -3.15
C SER B 53 -17.31 28.87 -3.72
N ASN B 54 -17.10 28.10 -4.78
CA ASN B 54 -15.78 28.01 -5.41
C ASN B 54 -15.89 27.13 -6.65
N GLY B 55 -14.83 27.14 -7.45
CA GLY B 55 -14.76 26.36 -8.66
C GLY B 55 -13.82 25.17 -8.56
N VAL B 56 -13.09 25.07 -7.45
CA VAL B 56 -12.33 23.86 -7.12
C VAL B 56 -13.13 23.06 -6.12
N ILE B 57 -13.10 21.74 -6.26
CA ILE B 57 -13.82 20.90 -5.31
C ILE B 57 -12.84 19.98 -4.60
N THR B 58 -13.35 19.19 -3.66
CA THR B 58 -12.55 18.25 -2.91
C THR B 58 -12.52 16.92 -3.68
N LYS B 59 -11.39 16.21 -3.60
CA LYS B 59 -11.43 14.81 -4.01
C LYS B 59 -12.63 14.13 -3.36
N ASP B 60 -12.82 14.43 -2.06
CA ASP B 60 -14.05 14.12 -1.33
C ASP B 60 -15.29 14.62 -2.05
N GLU B 61 -15.20 15.84 -2.59
CA GLU B 61 -16.36 16.43 -3.26
C GLU B 61 -16.71 15.66 -4.52
N ALA B 62 -15.70 15.30 -5.30
CA ALA B 62 -15.92 14.55 -6.53
C ALA B 62 -16.66 13.25 -6.28
N GLU B 63 -16.32 12.52 -5.20
CA GLU B 63 -16.97 11.23 -4.96
C GLU B 63 -18.44 11.40 -4.58
N LYS B 64 -18.81 12.53 -3.98
CA LYS B 64 -20.22 12.75 -3.68
C LYS B 64 -21.01 13.07 -4.94
N LEU B 65 -20.45 13.88 -5.84
CA LEU B 65 -21.05 14.01 -7.17
C LEU B 65 -21.09 12.66 -7.89
N PHE B 66 -19.95 11.95 -7.90
CA PHE B 66 -19.90 10.66 -8.56
C PHE B 66 -21.01 9.74 -8.06
N ASN B 67 -21.27 9.75 -6.74
CA ASN B 67 -22.31 8.88 -6.22
C ASN B 67 -23.70 9.29 -6.69
N GLN B 68 -23.90 10.58 -6.91
CA GLN B 68 -25.16 11.00 -7.50
C GLN B 68 -25.33 10.43 -8.90
N ASP B 69 -24.25 10.44 -9.69
CA ASP B 69 -24.36 9.96 -11.06
C ASP B 69 -24.53 8.44 -11.11
N VAL B 70 -23.93 7.72 -10.16
CA VAL B 70 -24.14 6.27 -10.06
C VAL B 70 -25.61 5.97 -9.81
N ASP B 71 -26.24 6.70 -8.88
CA ASP B 71 -27.68 6.57 -8.64
C ASP B 71 -28.48 6.76 -9.91
N ALA B 72 -28.35 7.93 -10.54
CA ALA B 72 -29.08 8.19 -11.78
C ALA B 72 -28.90 7.06 -12.78
N ALA B 73 -27.68 6.50 -12.86
CA ALA B 73 -27.42 5.45 -13.84
C ALA B 73 -28.15 4.16 -13.49
N VAL B 74 -28.15 3.78 -12.21
CA VAL B 74 -28.85 2.55 -11.85
C VAL B 74 -30.36 2.74 -12.02
N ARG B 75 -30.87 3.93 -11.73
CA ARG B 75 -32.26 4.24 -11.99
C ARG B 75 -32.59 3.99 -13.46
N GLY B 76 -31.73 4.46 -14.37
CA GLY B 76 -31.95 4.23 -15.78
C GLY B 76 -31.82 2.78 -16.19
N ILE B 77 -30.94 2.02 -15.53
CA ILE B 77 -30.78 0.61 -15.85
C ILE B 77 -32.05 -0.18 -15.53
N LEU B 78 -32.65 0.11 -14.38
CA LEU B 78 -33.81 -0.65 -13.94
C LEU B 78 -35.05 -0.26 -14.74
N ARG B 79 -35.06 0.93 -15.35
CA ARG B 79 -36.15 1.34 -16.22
C ARG B 79 -36.08 0.71 -17.60
N ASN B 80 -35.03 -0.03 -17.92
CA ASN B 80 -34.83 -0.54 -19.26
C ASN B 80 -35.03 -2.06 -19.26
N ALA B 81 -36.00 -2.53 -20.05
CA ALA B 81 -36.44 -3.92 -19.97
C ALA B 81 -35.42 -4.92 -20.52
N LYS B 82 -34.49 -4.48 -21.36
CA LYS B 82 -33.42 -5.40 -21.72
C LYS B 82 -32.29 -5.40 -20.69
N LEU B 83 -32.16 -4.34 -19.88
CA LEU B 83 -31.03 -4.30 -18.93
C LEU B 83 -31.40 -4.73 -17.52
N LYS B 84 -32.61 -4.38 -17.04
CA LYS B 84 -33.05 -4.76 -15.70
C LYS B 84 -32.68 -6.20 -15.34
N PRO B 85 -33.16 -7.20 -16.09
CA PRO B 85 -32.98 -8.61 -15.67
C PRO B 85 -31.53 -9.07 -15.66
N VAL B 86 -30.68 -8.56 -16.57
CA VAL B 86 -29.26 -8.91 -16.52
C VAL B 86 -28.64 -8.36 -15.25
N TYR B 87 -28.91 -7.09 -14.95
CA TYR B 87 -28.39 -6.44 -13.74
C TYR B 87 -28.78 -7.21 -12.48
N ASP B 88 -30.09 -7.45 -12.31
CA ASP B 88 -30.60 -8.11 -11.12
C ASP B 88 -29.93 -9.46 -10.89
N SER B 89 -29.51 -10.14 -11.95
CA SER B 89 -28.91 -11.46 -11.84
C SER B 89 -27.41 -11.45 -11.53
N LEU B 90 -26.74 -10.29 -11.55
CA LEU B 90 -25.28 -10.27 -11.48
C LEU B 90 -24.81 -9.93 -10.07
N ASP B 91 -23.61 -10.42 -9.74
CA ASP B 91 -22.95 -10.07 -8.48
C ASP B 91 -22.51 -8.61 -8.50
N ALA B 92 -22.01 -8.14 -7.34
CA ALA B 92 -21.66 -6.72 -7.19
C ALA B 92 -20.52 -6.30 -8.12
N VAL B 93 -19.51 -7.15 -8.31
CA VAL B 93 -18.40 -6.78 -9.19
C VAL B 93 -18.91 -6.63 -10.62
N ARG B 94 -19.63 -7.63 -11.11
CA ARG B 94 -20.10 -7.61 -12.49
C ARG B 94 -21.12 -6.50 -12.73
N ARG B 95 -21.96 -6.18 -11.75
CA ARG B 95 -22.80 -4.98 -11.86
C ARG B 95 -21.98 -3.74 -12.12
N SER B 96 -20.77 -3.65 -11.50
CA SER B 96 -19.93 -2.47 -11.64
C SER B 96 -19.45 -2.31 -13.08
N ALA B 97 -19.06 -3.43 -13.70
CA ALA B 97 -18.70 -3.43 -15.11
C ALA B 97 -19.89 -2.99 -15.99
N LEU B 98 -21.13 -3.32 -15.60
CA LEU B 98 -22.28 -2.90 -16.42
C LEU B 98 -22.51 -1.41 -16.26
N ILE B 99 -22.39 -0.90 -15.04
CA ILE B 99 -22.48 0.55 -14.81
C ILE B 99 -21.39 1.27 -15.59
N ASN B 100 -20.21 0.67 -15.69
CA ASN B 100 -19.10 1.28 -16.43
C ASN B 100 -19.49 1.50 -17.90
N MET B 101 -20.00 0.46 -18.55
CA MET B 101 -20.47 0.56 -19.93
C MET B 101 -21.52 1.66 -20.08
N VAL B 102 -22.45 1.77 -19.13
CA VAL B 102 -23.51 2.78 -19.25
C VAL B 102 -22.93 4.20 -19.17
N PHE B 103 -21.89 4.41 -18.33
CA PHE B 103 -21.22 5.71 -18.28
C PHE B 103 -20.62 6.07 -19.64
N GLN B 104 -20.07 5.08 -20.34
CA GLN B 104 -19.38 5.39 -21.58
C GLN B 104 -20.36 5.56 -22.75
N MET B 105 -21.36 4.69 -22.89
CA MET B 105 -22.21 4.72 -24.08
C MET B 105 -23.70 4.89 -23.80
N GLY B 106 -24.11 5.21 -22.57
CA GLY B 106 -25.52 5.33 -22.26
C GLY B 106 -26.30 4.02 -22.23
N GLU B 107 -27.48 4.06 -21.62
CA GLU B 107 -28.34 2.88 -21.51
C GLU B 107 -28.69 2.28 -22.88
N THR B 108 -29.06 3.11 -23.85
CA THR B 108 -29.49 2.52 -25.12
C THR B 108 -28.32 1.98 -25.91
N GLY B 109 -27.12 2.53 -25.71
CA GLY B 109 -25.94 1.90 -26.28
C GLY B 109 -25.73 0.47 -25.79
N VAL B 110 -25.87 0.23 -24.49
CA VAL B 110 -25.59 -1.09 -23.94
C VAL B 110 -26.69 -2.08 -24.34
N ALA B 111 -27.94 -1.61 -24.41
CA ALA B 111 -29.06 -2.49 -24.78
C ALA B 111 -28.85 -3.14 -26.14
N GLY B 112 -28.06 -2.52 -27.02
CA GLY B 112 -27.75 -3.11 -28.32
C GLY B 112 -26.90 -4.38 -28.31
N PHE B 113 -26.25 -4.71 -27.19
CA PHE B 113 -25.43 -5.92 -27.13
C PHE B 113 -26.28 -7.13 -26.73
N THR B 114 -27.19 -7.52 -27.63
CA THR B 114 -28.25 -8.48 -27.26
C THR B 114 -27.68 -9.87 -27.02
N ASN B 115 -26.85 -10.38 -27.93
CA ASN B 115 -26.25 -11.69 -27.71
C ASN B 115 -25.49 -11.72 -26.37
N SER B 116 -24.50 -10.83 -26.22
CA SER B 116 -23.69 -10.80 -25.01
C SER B 116 -24.53 -10.76 -23.74
N LEU B 117 -25.58 -9.92 -23.74
CA LEU B 117 -26.37 -9.75 -22.52
C LEU B 117 -27.03 -11.05 -22.10
N ARG B 118 -27.44 -11.87 -23.07
CA ARG B 118 -28.05 -13.16 -22.75
C ARG B 118 -27.01 -14.16 -22.25
N MET B 119 -25.82 -14.17 -22.84
CA MET B 119 -24.67 -14.85 -22.23
C MET B 119 -24.55 -14.52 -20.74
N LEU B 120 -24.46 -13.22 -20.43
CA LEU B 120 -24.22 -12.79 -19.05
C LEU B 120 -25.32 -13.25 -18.11
N GLN B 121 -26.57 -13.17 -18.55
CA GLN B 121 -27.68 -13.59 -17.70
C GLN B 121 -27.72 -15.10 -17.55
N GLN B 122 -27.13 -15.85 -18.47
CA GLN B 122 -26.98 -17.30 -18.38
C GLN B 122 -25.70 -17.68 -17.65
N LYS B 123 -25.11 -16.73 -16.91
CA LYS B 123 -23.86 -16.87 -16.18
C LYS B 123 -22.84 -17.68 -16.98
N ARG B 124 -22.80 -17.39 -18.29
CA ARG B 124 -22.03 -18.12 -19.30
C ARG B 124 -20.91 -17.22 -19.85
N TRP B 125 -19.95 -16.92 -18.98
CA TRP B 125 -19.14 -15.70 -19.14
C TRP B 125 -18.00 -15.82 -20.14
N ASP B 126 -17.44 -17.01 -20.34
CA ASP B 126 -16.52 -17.19 -21.45
C ASP B 126 -17.12 -16.67 -22.75
N GLU B 127 -18.31 -17.16 -23.11
CA GLU B 127 -18.66 -16.91 -24.51
C GLU B 127 -19.26 -15.51 -24.68
N ALA B 128 -19.85 -14.95 -23.62
CA ALA B 128 -20.11 -13.51 -23.61
C ALA B 128 -18.87 -12.70 -23.96
N ALA B 129 -17.71 -13.09 -23.42
CA ALA B 129 -16.52 -12.27 -23.59
C ALA B 129 -16.10 -12.18 -25.05
N VAL B 130 -16.22 -13.29 -25.78
CA VAL B 130 -15.89 -13.26 -27.21
C VAL B 130 -16.88 -12.41 -28.00
N ASN B 131 -18.12 -12.34 -27.57
CA ASN B 131 -19.09 -11.52 -28.30
C ASN B 131 -18.77 -10.04 -28.12
N LEU B 132 -18.55 -9.61 -26.86
CA LEU B 132 -18.28 -8.20 -26.56
C LEU B 132 -17.11 -7.68 -27.37
N ALA B 133 -16.14 -8.54 -27.68
CA ALA B 133 -14.93 -8.16 -28.40
C ALA B 133 -15.09 -8.03 -29.92
N LYS B 134 -16.13 -8.59 -30.53
CA LYS B 134 -16.35 -8.36 -31.95
C LYS B 134 -17.36 -7.21 -32.05
N SER B 135 -16.84 -5.98 -31.99
CA SER B 135 -17.68 -4.80 -31.90
C SER B 135 -16.82 -3.58 -32.20
N ARG B 136 -17.48 -2.54 -32.69
CA ARG B 136 -16.78 -1.27 -32.89
C ARG B 136 -16.29 -0.69 -31.56
N TRP B 137 -16.97 -1.00 -30.46
CA TRP B 137 -16.61 -0.51 -29.13
C TRP B 137 -15.22 -0.99 -28.74
N TYR B 138 -15.05 -2.31 -28.67
CA TYR B 138 -13.76 -2.91 -28.42
C TYR B 138 -12.68 -2.30 -29.31
N ASN B 139 -12.99 -2.08 -30.59
CA ASN B 139 -12.04 -1.56 -31.57
C ASN B 139 -11.66 -0.11 -31.32
N GLN B 140 -12.48 0.68 -30.64
CA GLN B 140 -12.16 2.10 -30.53
C GLN B 140 -11.44 2.46 -29.24
N THR B 141 -11.83 1.89 -28.10
CA THR B 141 -11.14 2.06 -26.81
C THR B 141 -10.76 0.68 -26.30
N PRO B 142 -9.76 0.04 -26.92
CA PRO B 142 -9.51 -1.38 -26.61
C PRO B 142 -8.92 -1.64 -25.23
N ASN B 143 -8.24 -0.67 -24.60
CA ASN B 143 -7.72 -0.91 -23.25
C ASN B 143 -8.85 -0.89 -22.23
N ARG B 144 -9.71 0.14 -22.28
CA ARG B 144 -10.87 0.14 -21.40
C ARG B 144 -11.69 -1.14 -21.60
N ALA B 145 -11.93 -1.53 -22.86
CA ALA B 145 -12.83 -2.66 -23.13
C ALA B 145 -12.26 -3.96 -22.60
N LYS B 146 -10.94 -4.16 -22.74
CA LYS B 146 -10.32 -5.36 -22.19
C LYS B 146 -10.46 -5.43 -20.68
N ARG B 147 -10.30 -4.30 -19.98
CA ARG B 147 -10.45 -4.32 -18.52
C ARG B 147 -11.89 -4.67 -18.13
N VAL B 148 -12.88 -4.04 -18.80
CA VAL B 148 -14.27 -4.28 -18.44
C VAL B 148 -14.64 -5.73 -18.77
N ILE B 149 -14.17 -6.25 -19.91
CA ILE B 149 -14.49 -7.61 -20.31
C ILE B 149 -13.91 -8.63 -19.33
N ALA B 150 -12.61 -8.52 -19.00
CA ALA B 150 -11.99 -9.40 -18.00
C ALA B 150 -12.76 -9.38 -16.68
N THR B 151 -13.32 -8.22 -16.30
CA THR B 151 -14.08 -8.16 -15.06
C THR B 151 -15.37 -8.97 -15.17
N PHE B 152 -16.00 -8.99 -16.36
CA PHE B 152 -17.15 -9.87 -16.60
C PHE B 152 -16.73 -11.34 -16.54
N ARG B 153 -15.62 -11.67 -17.17
CA ARG B 153 -15.21 -13.06 -17.27
C ARG B 153 -14.83 -13.67 -15.91
N THR B 154 -14.20 -12.89 -15.01
CA THR B 154 -13.77 -13.45 -13.72
C THR B 154 -14.65 -13.03 -12.55
N GLY B 155 -15.33 -11.90 -12.63
CA GLY B 155 -15.98 -11.39 -11.44
C GLY B 155 -15.04 -10.88 -10.36
N THR B 156 -13.79 -10.55 -10.69
CA THR B 156 -12.87 -9.93 -9.72
C THR B 156 -12.40 -8.55 -10.20
N TRP B 157 -11.76 -7.84 -9.27
CA TRP B 157 -11.12 -6.55 -9.52
C TRP B 157 -9.70 -6.70 -10.06
N ASP B 158 -9.31 -7.90 -10.49
CA ASP B 158 -7.88 -8.14 -10.70
C ASP B 158 -7.31 -7.24 -11.78
N ALA B 159 -8.13 -6.80 -12.75
CA ALA B 159 -7.58 -6.03 -13.86
C ALA B 159 -7.37 -4.54 -13.56
N TYR B 160 -7.89 -3.99 -12.48
CA TYR B 160 -7.79 -2.53 -12.38
C TYR B 160 -6.52 -1.97 -11.67
C1 OLA C . -3.21 -9.74 16.94
O1 OLA C . -3.09 -10.65 17.80
O2 OLA C . -4.36 -9.45 16.51
C2 OLA C . -2.00 -8.96 16.41
C3 OLA C . -0.69 -9.75 16.50
C4 OLA C . 0.50 -8.81 16.36
C5 OLA C . 1.82 -9.61 16.38
C6 OLA C . 2.09 -10.11 17.80
C7 OLA C . 3.34 -10.98 17.83
C8 OLA C . 3.64 -11.36 19.28
H21 OLA C . -2.16 -8.73 15.48
H22 OLA C . -1.90 -8.15 16.94
H31 OLA C . -0.67 -10.41 15.79
H32 OLA C . -0.65 -10.21 17.36
H41 OLA C . 0.50 -8.18 17.10
H42 OLA C . 0.43 -8.33 15.52
H51 OLA C . 1.74 -10.37 15.77
H52 OLA C . 2.55 -9.04 16.09
H61 OLA C . 2.20 -9.35 18.39
H62 OLA C . 1.33 -10.63 18.09
H71 OLA C . 4.09 -10.47 17.46
H72 OLA C . 3.21 -11.77 17.30
H82 OLA C . 2.91 -11.90 19.61
H82 OLA C . 3.74 -10.56 19.82
C1 OLA D . 26.15 -20.05 13.00
O1 OLA D . 26.83 -19.20 12.35
O2 OLA D . 26.57 -20.48 14.11
C2 OLA D . 24.83 -20.55 12.42
C3 OLA D . 24.17 -19.51 11.51
C4 OLA D . 23.49 -20.21 10.32
C5 OLA D . 22.69 -19.25 9.44
C6 OLA D . 22.60 -19.77 8.00
C7 OLA D . 21.44 -19.13 7.21
C8 OLA D . 20.11 -19.79 7.59
C9 OLA D . 19.15 -19.98 6.41
C10 OLA D . 18.10 -20.80 6.51
C11 OLA D . 17.13 -21.03 5.35
C12 OLA D . 16.33 -22.33 5.56
C13 OLA D . 15.75 -22.87 4.25
C14 OLA D . 14.80 -24.04 4.54
C15 OLA D . 13.36 -23.52 4.49
C16 OLA D . 12.32 -24.63 4.68
C17 OLA D . 10.93 -23.99 4.89
C18 OLA D . 10.14 -23.96 3.57
H21 OLA D . 24.99 -21.35 11.91
H22 OLA D . 24.22 -20.75 13.15
H31 OLA D . 24.85 -18.91 11.17
H32 OLA D . 23.51 -19.01 12.01
H41 OLA D . 22.88 -20.89 10.67
H42 OLA D . 24.17 -20.64 9.78
H51 OLA D . 21.79 -19.14 9.79
H52 OLA D . 23.13 -18.38 9.43
H61 OLA D . 23.43 -19.56 7.54
H62 OLA D . 22.47 -20.73 8.02
H71 OLA D . 21.60 -19.24 6.26
H72 OLA D . 21.40 -18.18 7.42
H81 OLA D . 19.67 -19.25 8.25
H82 OLA D . 20.30 -20.67 7.97
H9 OLA D . 19.29 -19.51 5.61
H10 OLA D . 17.96 -21.26 7.31
H111 OLA D . 16.51 -20.28 5.30
H112 OLA D . 17.63 -21.09 4.52
H121 OLA D . 16.93 -23.00 5.94
H122 OLA D . 15.62 -22.16 6.18
H131 OLA D . 15.27 -22.16 3.81
H132 OLA D . 16.48 -23.18 3.68
H141 OLA D . 14.92 -24.73 3.87
H142 OLA D . 14.99 -24.41 5.42
H151 OLA D . 13.22 -23.10 3.62
H152 OLA D . 13.24 -22.85 5.18
H161 OLA D . 12.55 -25.15 5.46
H162 OLA D . 12.29 -25.19 3.89
H171 OLA D . 11.05 -23.08 5.21
H172 OLA D . 10.45 -24.52 5.54
H181 OLA D . 9.21 -23.76 3.77
H182 OLA D . 10.21 -24.82 3.13
H183 OLA D . 10.51 -23.27 2.99
C1 OLA E . 25.01 -8.43 -1.88
O1 OLA E . 24.49 -9.54 -1.61
O2 OLA E . 24.40 -7.35 -1.64
C2 OLA E . 26.39 -8.40 -2.54
C3 OLA E . 27.11 -9.70 -2.21
C4 OLA E . 28.57 -9.56 -2.63
C5 OLA E . 29.34 -10.80 -2.17
C6 OLA E . 30.52 -11.00 -3.10
C7 OLA E . 31.47 -12.08 -2.57
C8 OLA E . 31.82 -11.82 -1.11
C9 OLA E . 33.20 -12.37 -0.78
C10 OLA E . 34.23 -12.15 -1.59
C11 OLA E . 35.59 -12.71 -1.23
C12 OLA E . 36.23 -11.74 -0.23
C13 OLA E . 37.60 -12.27 0.22
C14 OLA E . 38.61 -12.18 -0.92
C15 OLA E . 40.02 -12.40 -0.38
C16 OLA E . 41.02 -12.51 -1.53
C17 OLA E . 41.24 -13.98 -1.87
C18 OLA E . 42.18 -14.09 -3.07
H21 OLA E . 26.30 -8.31 -3.49
H22 OLA E . 26.91 -7.65 -2.18
H31 OLA E . 26.70 -10.44 -2.70
H32 OLA E . 27.05 -9.88 -1.25
H41 OLA E . 28.95 -8.77 -2.22
H42 OLA E . 28.62 -9.49 -3.59
H51 OLA E . 29.66 -10.66 -1.25
H52 OLA E . 28.76 -11.58 -2.19
H61 OLA E . 30.20 -11.26 -3.97
H62 OLA E . 31.02 -10.16 -3.18
H71 OLA E . 32.28 -12.08 -3.09
H72 OLA E . 31.04 -12.95 -2.65
H81 OLA E . 31.16 -12.25 -0.54
H82 OLA E . 31.81 -10.86 -0.94
H9 OLA E . 33.33 -12.87 -0.01
H10 OLA E . 34.11 -11.66 -2.37
H111 OLA E . 35.49 -13.58 -0.83
H112 OLA E . 36.14 -12.77 -2.03
H121 OLA E . 36.35 -10.88 -0.65
H122 OLA E . 35.66 -11.66 0.54
H131 OLA E . 37.91 -11.73 0.97
H132 OLA E . 37.51 -13.19 0.50
H141 OLA E . 38.41 -12.87 -1.58
H142 OLA E . 38.55 -11.31 -1.34
H151 OLA E . 40.04 -13.22 0.15
H152 OLA E . 40.27 -11.64 0.19
H161 OLA E . 41.87 -12.12 -1.25
H162 OLA E . 40.68 -12.04 -2.30
H171 OLA E . 40.38 -14.39 -2.10
H172 OLA E . 41.62 -14.44 -1.11
H181 OLA E . 42.97 -13.55 -2.90
H182 OLA E . 41.74 -13.77 -3.87
H183 OLA E . 42.44 -15.02 -3.19
C1 OLA F . 12.47 6.00 -9.25
O1 OLA F . 13.40 5.22 -8.93
O2 OLA F . 12.42 6.43 -10.44
C2 OLA F . 11.41 6.43 -8.24
C3 OLA F . 11.06 7.89 -8.54
C4 OLA F . 9.59 8.19 -8.27
C5 OLA F . 9.54 9.57 -7.61
C6 OLA F . 8.12 10.17 -7.69
C7 OLA F . 7.10 9.14 -7.18
C8 OLA F . 5.91 9.87 -6.55
C9 OLA F . 5.10 10.63 -7.60
C10 OLA F . 4.21 11.54 -7.20
C11 OLA F . 3.38 12.31 -8.22
C12 OLA F . 2.49 13.35 -7.53
C13 OLA F . 1.89 14.30 -8.57
H21 OLA F . 10.62 5.87 -8.33
H22 OLA F . 11.76 6.35 -7.34
H31 OLA F . 11.25 8.08 -9.47
H32 OLA F . 11.61 8.46 -7.98
H41 OLA F . 9.22 7.52 -7.67
H42 OLA F . 9.09 8.21 -9.10
H51 OLA F . 9.79 9.49 -6.67
H52 OLA F . 10.16 10.17 -8.06
H61 OLA F . 8.08 10.96 -7.15
H62 OLA F . 7.93 10.39 -8.61
H71 OLA F . 7.52 8.58 -6.52
H72 OLA F . 6.80 8.60 -7.92
H81 OLA F . 6.24 10.50 -5.89
H82 OLA F . 5.34 9.22 -6.13
H9 OLA F . 5.22 10.46 -8.50
H10 OLA F . 4.10 11.70 -6.28
H111 OLA F . 3.98 12.77 -8.84
H112 OLA F . 2.82 11.69 -8.71
H121 OLA F . 1.78 12.90 -7.05
H122 OLA F . 3.03 13.86 -6.89
H131 OLA F . 1.37 14.97 -8.12
H132 OLA F . 2.59 14.73 -9.07
C1 OLA G . 27.19 1.70 -4.41
O1 OLA G . 28.37 1.79 -4.85
O2 OLA G . 26.92 0.78 -3.59
C2 OLA G . 26.10 2.68 -4.86
C3 OLA G . 24.85 1.91 -5.27
C4 OLA G . 24.07 1.51 -4.01
C5 OLA G . 23.00 0.49 -4.36
C6 OLA G . 22.53 -0.22 -3.08
C7 OLA G . 21.30 -1.09 -3.39
C8 OLA G . 21.76 -2.53 -3.65
C9 OLA G . 20.59 -3.44 -4.02
C10 OLA G . 19.61 -2.97 -4.77
C11 OLA G . 18.43 -3.86 -5.16
C12 OLA G . 17.45 -3.03 -6.01
C13 OLA G . 16.43 -3.93 -6.72
C14 OLA G . 15.83 -4.97 -5.77
C15 OLA G . 14.32 -5.06 -6.04
C16 OLA G . 13.84 -6.42 -5.54
C17 OLA G . 12.52 -6.76 -6.25
C18 OLA G . 12.11 -8.18 -5.85
H21 OLA G . 26.42 3.20 -5.61
H22 OLA G . 25.89 3.29 -4.13
H31 OLA G . 25.11 1.11 -5.74
H32 OLA G . 24.29 2.47 -5.83
H41 OLA G . 23.66 2.30 -3.63
H42 OLA G . 24.69 1.13 -3.36
H51 OLA G . 22.24 0.94 -4.77
H52 OLA G . 23.35 -0.16 -4.98
H61 OLA G . 23.24 -0.78 -2.74
H62 OLA G . 22.28 0.45 -2.41
H71 OLA G . 20.85 -0.75 -4.19
H72 OLA G . 20.69 -1.07 -2.64
H81 OLA G . 22.19 -2.87 -2.85
H82 OLA G . 22.40 -2.53 -4.38
H9 OLA G . 20.57 -4.32 -3.70
H10 OLA G . 19.65 -2.09 -5.07
H111 OLA G . 18.74 -4.61 -5.68
H112 OLA G . 17.98 -4.18 -4.37
H121 OLA G . 16.98 -2.41 -5.42
H122 OLA G . 17.96 -2.52 -6.67
H131 OLA G . 15.72 -3.38 -7.08
H132 OLA G . 16.89 -4.39 -7.45
H141 OLA G . 15.98 -4.70 -4.85
H142 OLA G . 16.24 -5.84 -5.92
H151 OLA G . 14.16 -4.97 -6.99
H152 OLA G . 13.86 -4.35 -5.56
H161 OLA G . 13.70 -6.38 -4.58
H162 OLA G . 14.50 -7.09 -5.74
H171 OLA G . 12.64 -6.70 -7.20
H172 OLA G . 11.84 -6.13 -5.97
H181 OLA G . 12.19 -8.28 -4.89
H182 OLA G . 12.69 -8.81 -6.30
H183 OLA G . 11.20 -8.34 -6.12
N11 0JS H . 7.20 2.20 10.30
C12 0JS H . 6.15 2.83 9.75
C14 0JS H . 4.72 1.59 11.12
C15 0JS H . 3.55 1.09 11.72
C16 0JS H . 3.93 0.10 12.64
C19 0JS H . 2.99 -0.73 13.53
C20 0JS H . 2.16 1.61 11.31
C24 0JS H . 0.43 3.33 11.46
C25 0JS H . -0.34 2.59 10.57
C27 0JS H . 0.14 1.38 10.05
C28 0JS H . 1.41 0.89 10.42
C30 0JS H . 1.13 -1.25 9.27
C01 0JS H . 10.06 -2.63 10.60
C02 0JS H . 10.83 -1.37 10.14
C03 0JS H . 10.01 -0.11 10.51
C04 0JS H . 8.75 -0.55 11.27
C06 0JS H . 8.82 1.25 12.98
C07 0JS H . 8.04 0.87 14.26
C08 0JS H . 8.82 1.27 15.50
C09 0JS H . 7.55 2.04 15.11
C10 0JS H . 6.99 1.28 11.23
C21 0JS H . 1.69 2.83 11.82
C23 0JS H . 2.07 4.72 13.25
C31 0JS H . 6.41 3.90 8.67
N05 0JS H . 8.16 0.63 11.82
N13 0JS H . 4.92 2.54 10.15
N17 0JS H . 5.29 0.04 12.62
N18 0JS H . 5.73 0.98 11.65
O22 0JS H . 2.54 3.50 12.72
O29 0JS H . 1.96 -0.33 9.95
BR2 0JS H . -2.11 3.25 9.99
H192 0JS H . 3.50 -1.40 14.01
H193 0JS H . 2.32 -1.17 12.98
H191 0JS H . 2.54 -0.14 14.17
H241 0JS H . 0.12 4.14 11.80
H271 0JS H . -0.38 0.89 9.46
H302 0JS H . 1.53 -2.13 9.29
H303 0JS H . 1.01 -0.95 8.35
H301 0JS H . 0.26 -1.28 9.71
H013 0JS H . 10.54 -3.42 10.31
H011 0JS H . 9.17 -2.62 10.23
H012 0JS H . 10.01 -2.62 11.57
H021 0JS H . 11.69 -1.34 10.57
H022 0JS H . 10.96 -1.41 9.19
H032 0JS H . 9.76 0.37 9.72
H031 0JS H . 10.55 0.47 11.08
H041 0JS H . 8.99 -1.16 11.98
H042 0JS H . 8.13 -0.99 10.67
H062 0JS H . 9.73 0.91 13.05
H061 0JS H . 8.83 2.21 12.88
H071 0JS H . 7.47 0.09 14.28
H081 0JS H . 9.65 1.74 15.35
H082 0JS H . 8.73 0.67 16.26
H091 0JS H . 7.70 2.92 14.75
H092 0JS H . 6.77 1.86 15.66
H232 0JS H . 2.77 5.13 13.78
H233 0JS H . 1.30 4.56 13.81
H231 0JS H . 1.83 5.31 12.52
H313 0JS H . 7.28 4.29 8.81
H311 0JS H . 5.72 4.58 8.73
H312 0JS H . 6.37 3.48 7.79
#